data_6PDR
#
_entry.id   6PDR
#
_cell.length_a   128.124
_cell.length_b   51.189
_cell.length_c   75.258
_cell.angle_alpha   90.000
_cell.angle_beta   114.470
_cell.angle_gamma   90.000
#
_symmetry.space_group_name_H-M   'C 1 2 1'
#
loop_
_entity.id
_entity.type
_entity.pdbx_description
1 polymer 'antibody vFP25.18 light chain'
2 polymer 'antibody vFP25.18 heavy chain'
3 polymer 'HIV fusion peptide residue 512-519'
4 water water
#
loop_
_entity_poly.entity_id
_entity_poly.type
_entity_poly.pdbx_seq_one_letter_code
_entity_poly.pdbx_strand_id
1 'polypeptide(L)'
;DVLMTQSPLSLPVSLGDQASISCRSSQSILHSNGNTYLDWYLQKPGQSPKLLIYKVSNRFSGVPDRFSGSGSGTDFTLKI
SRVEAEDLGVYFCFQGSHVPLTFGSGTKLEIKRTDAAPTVSIFPPSSEQLTSGGASVVCFLNNFYPKDINVKWKIDGSER
QNGVLNSWTDQDSKDSTYSMSSTLTLTKDEYERHNSYTCEATHKTSTSPIVKSFNRNEC
;
L
2 'polypeptide(L)'
;EFQLQQSGPELVKPGASVKISCKASGDSFTDYNLSWVKQINGKSLEWIGVINPNYGTTTYNQKFKAKATLTVDQSSSTAY
MQLNSLTSEDSAVYYCAFSSRLFGYWGQGTTLTVSSASTTPPSVYPLAPGSAAQTNSMVTLGCLVKGYFPEPVTVTWNSG
SLSSGVHTFPAVLQSDLYTLSSSVTVPSSTWPSETVTCNVAHPASSTKVDKKIVPRDC
;
H
3 'polypeptide(L)' AVGIGAVF A
#
# COMPACT_ATOMS: atom_id res chain seq x y z
N ASP A 1 -14.21 -18.34 14.40
CA ASP A 1 -14.47 -17.35 13.37
C ASP A 1 -14.69 -18.02 12.03
N VAL A 2 -15.44 -17.35 11.15
CA VAL A 2 -15.63 -17.82 9.78
C VAL A 2 -14.47 -17.31 8.95
N LEU A 3 -13.68 -18.22 8.40
CA LEU A 3 -12.49 -17.88 7.64
C LEU A 3 -12.83 -17.86 6.16
N MET A 4 -12.41 -16.78 5.48
CA MET A 4 -12.69 -16.56 4.07
C MET A 4 -11.40 -16.61 3.28
N THR A 5 -11.37 -17.45 2.25
CA THR A 5 -10.20 -17.51 1.38
C THR A 5 -10.62 -17.30 -0.06
N GLN A 6 -9.76 -16.63 -0.83
CA GLN A 6 -10.03 -16.35 -2.22
C GLN A 6 -9.02 -17.05 -3.11
N SER A 7 -9.45 -17.36 -4.33
CA SER A 7 -8.59 -17.99 -5.31
C SER A 7 -8.97 -17.46 -6.69
N PRO A 8 -7.99 -17.08 -7.52
CA PRO A 8 -6.56 -17.01 -7.20
C PRO A 8 -6.24 -15.75 -6.40
N LEU A 9 -5.02 -15.62 -5.89
CA LEU A 9 -4.65 -14.37 -5.23
C LEU A 9 -4.25 -13.29 -6.21
N SER A 10 -3.76 -13.70 -7.38
CA SER A 10 -3.38 -12.79 -8.45
C SER A 10 -4.01 -13.31 -9.73
N LEU A 11 -4.66 -12.41 -10.48
CA LEU A 11 -5.35 -12.80 -11.71
C LEU A 11 -4.95 -11.84 -12.84
N PRO A 12 -3.88 -12.17 -13.56
CA PRO A 12 -3.51 -11.38 -14.75
C PRO A 12 -4.47 -11.67 -15.90
N VAL A 13 -4.96 -10.60 -16.53
CA VAL A 13 -5.91 -10.71 -17.64
C VAL A 13 -5.52 -9.71 -18.72
N SER A 14 -5.96 -10.00 -19.93
CA SER A 14 -6.00 -8.99 -20.98
C SER A 14 -7.37 -8.32 -20.96
N LEU A 15 -7.43 -7.07 -21.39
CA LEU A 15 -8.72 -6.41 -21.53
C LEU A 15 -9.59 -7.24 -22.46
N GLY A 16 -10.85 -7.40 -22.08
CA GLY A 16 -11.79 -8.22 -22.82
C GLY A 16 -11.90 -9.66 -22.37
N ASP A 17 -10.96 -10.12 -21.55
CA ASP A 17 -11.00 -11.48 -21.01
C ASP A 17 -12.19 -11.64 -20.05
N GLN A 18 -12.63 -12.88 -19.93
CA GLN A 18 -13.51 -13.28 -18.84
C GLN A 18 -12.65 -13.49 -17.59
N ALA A 19 -13.18 -13.11 -16.43
CA ALA A 19 -12.47 -13.30 -15.18
C ALA A 19 -13.39 -13.95 -14.16
N SER A 20 -12.85 -14.90 -13.40
CA SER A 20 -13.61 -15.58 -12.36
C SER A 20 -12.78 -15.61 -11.09
N ILE A 21 -13.37 -15.16 -9.99
CA ILE A 21 -12.72 -15.12 -8.69
C ILE A 21 -13.60 -15.89 -7.71
N SER A 22 -13.01 -16.84 -7.00
CA SER A 22 -13.79 -17.67 -6.09
C SER A 22 -13.47 -17.33 -4.64
N CYS A 23 -14.46 -17.60 -3.80
CA CYS A 23 -14.41 -17.32 -2.37
C CYS A 23 -14.98 -18.53 -1.66
N ARG A 24 -14.26 -19.04 -0.66
CA ARG A 24 -14.72 -20.17 0.13
C ARG A 24 -14.69 -19.79 1.61
N SER A 25 -15.77 -20.14 2.31
CA SER A 25 -15.89 -19.92 3.75
C SER A 25 -15.76 -21.24 4.49
N SER A 26 -15.24 -21.15 5.71
CA SER A 26 -15.00 -22.34 6.52
C SER A 26 -16.27 -22.89 7.13
N GLN A 27 -17.32 -22.08 7.23
CA GLN A 27 -18.66 -22.51 7.61
C GLN A 27 -19.63 -21.82 6.69
N SER A 28 -20.88 -22.29 6.67
CA SER A 28 -21.85 -21.72 5.75
C SER A 28 -22.18 -20.28 6.11
N ILE A 29 -22.33 -19.44 5.08
CA ILE A 29 -22.69 -18.03 5.25
C ILE A 29 -24.20 -17.83 5.32
N LEU A 30 -24.99 -18.89 5.18
CA LEU A 30 -26.44 -18.78 5.34
C LEU A 30 -26.79 -18.46 6.78
N HIS A 31 -27.49 -17.34 6.98
CA HIS A 31 -27.97 -16.90 8.28
C HIS A 31 -29.29 -17.60 8.60
N SER A 32 -29.59 -17.70 9.89
CA SER A 32 -30.84 -18.34 10.30
C SER A 32 -32.07 -17.57 9.81
N ASN A 33 -31.92 -16.28 9.50
CA ASN A 33 -33.06 -15.52 8.97
C ASN A 33 -33.29 -15.77 7.49
N GLY A 34 -32.48 -16.62 6.84
CA GLY A 34 -32.67 -16.99 5.46
C GLY A 34 -31.78 -16.25 4.47
N ASN A 35 -31.15 -15.16 4.90
CA ASN A 35 -30.28 -14.37 4.03
C ASN A 35 -28.85 -14.92 4.07
N THR A 36 -28.13 -14.71 2.98
CA THR A 36 -26.71 -15.06 2.90
C THR A 36 -25.94 -13.77 2.64
N TYR A 37 -25.26 -13.26 3.68
CA TYR A 37 -24.63 -11.94 3.63
C TYR A 37 -23.22 -12.05 3.07
N LEU A 38 -23.14 -12.41 1.79
CA LEU A 38 -21.88 -12.54 1.07
C LEU A 38 -21.80 -11.38 0.08
N ASP A 39 -20.83 -10.50 0.26
CA ASP A 39 -20.66 -9.32 -0.60
C ASP A 39 -19.32 -9.38 -1.32
N TRP A 40 -19.25 -8.67 -2.44
CA TRP A 40 -18.03 -8.50 -3.23
C TRP A 40 -17.74 -7.02 -3.37
N TYR A 41 -16.49 -6.65 -3.05
CA TYR A 41 -15.95 -5.30 -3.08
C TYR A 41 -14.80 -5.19 -4.06
N LEU A 42 -14.66 -4.01 -4.66
CA LEU A 42 -13.50 -3.65 -5.47
C LEU A 42 -12.82 -2.44 -4.83
N GLN A 43 -11.51 -2.55 -4.63
CA GLN A 43 -10.69 -1.44 -4.13
C GLN A 43 -9.64 -1.10 -5.16
N LYS A 44 -9.69 0.11 -5.68
CA LYS A 44 -8.68 0.68 -6.55
C LYS A 44 -7.60 1.36 -5.71
N PRO A 45 -6.39 1.48 -6.23
CA PRO A 45 -5.28 2.04 -5.43
C PRO A 45 -5.61 3.46 -4.94
N GLY A 46 -5.32 3.69 -3.66
CA GLY A 46 -5.57 4.99 -3.06
C GLY A 46 -7.02 5.30 -2.81
N GLN A 47 -7.93 4.36 -3.03
CA GLN A 47 -9.37 4.59 -2.86
C GLN A 47 -9.93 3.64 -1.81
N SER A 48 -11.14 3.97 -1.35
CA SER A 48 -11.88 3.11 -0.44
C SER A 48 -12.52 1.96 -1.21
N PRO A 49 -12.74 0.82 -0.56
CA PRO A 49 -13.49 -0.26 -1.21
C PRO A 49 -14.89 0.19 -1.61
N LYS A 50 -15.35 -0.35 -2.72
CA LYS A 50 -16.65 0.00 -3.30
C LYS A 50 -17.45 -1.28 -3.49
N LEU A 51 -18.71 -1.26 -3.09
CA LEU A 51 -19.55 -2.45 -3.20
C LEU A 51 -19.93 -2.72 -4.65
N LEU A 52 -19.75 -3.97 -5.08
CA LEU A 52 -20.20 -4.43 -6.40
C LEU A 52 -21.42 -5.30 -6.28
N ILE A 53 -21.34 -6.36 -5.47
CA ILE A 53 -22.42 -7.34 -5.38
C ILE A 53 -22.73 -7.54 -3.89
N TYR A 54 -24.01 -7.56 -3.53
CA TYR A 54 -24.38 -7.87 -2.17
C TYR A 54 -25.29 -9.09 -2.14
N LYS A 55 -25.27 -9.79 -1.00
CA LYS A 55 -26.03 -11.02 -0.79
C LYS A 55 -25.95 -11.95 -2.01
N VAL A 56 -24.70 -12.33 -2.30
CA VAL A 56 -24.31 -13.34 -3.28
C VAL A 56 -24.43 -12.84 -4.72
N SER A 57 -25.59 -12.29 -5.09
CA SER A 57 -25.86 -12.13 -6.52
C SER A 57 -26.65 -10.86 -6.87
N ASN A 58 -26.75 -9.91 -5.95
CA ASN A 58 -27.48 -8.66 -6.20
C ASN A 58 -26.49 -7.58 -6.61
N ARG A 59 -26.58 -7.16 -7.87
CA ARG A 59 -25.76 -6.04 -8.33
C ARG A 59 -26.26 -4.76 -7.67
N PHE A 60 -25.36 -4.02 -7.03
CA PHE A 60 -25.78 -2.74 -6.49
C PHE A 60 -26.03 -1.75 -7.62
N SER A 61 -26.99 -0.85 -7.39
CA SER A 61 -27.37 0.13 -8.41
C SER A 61 -26.16 0.88 -8.92
N GLY A 62 -26.04 0.95 -10.25
CA GLY A 62 -24.93 1.60 -10.88
C GLY A 62 -23.78 0.70 -11.26
N VAL A 63 -23.74 -0.52 -10.74
CA VAL A 63 -22.67 -1.46 -11.09
C VAL A 63 -23.01 -2.09 -12.44
N PRO A 64 -22.08 -2.07 -13.41
CA PRO A 64 -22.40 -2.58 -14.74
C PRO A 64 -22.71 -4.06 -14.72
N ASP A 65 -23.49 -4.50 -15.71
CA ASP A 65 -23.97 -5.88 -15.73
C ASP A 65 -22.90 -6.87 -16.17
N ARG A 66 -21.68 -6.43 -16.47
CA ARG A 66 -20.62 -7.40 -16.72
C ARG A 66 -20.21 -8.12 -15.44
N PHE A 67 -20.56 -7.57 -14.28
CA PHE A 67 -20.31 -8.22 -13.00
C PHE A 67 -21.51 -9.08 -12.61
N SER A 68 -21.24 -10.31 -12.20
CA SER A 68 -22.31 -11.16 -11.66
C SER A 68 -21.73 -12.03 -10.55
N GLY A 69 -22.59 -12.37 -9.61
CA GLY A 69 -22.20 -13.23 -8.49
C GLY A 69 -23.08 -14.46 -8.43
N SER A 70 -22.50 -15.56 -7.96
CA SER A 70 -23.25 -16.79 -7.78
C SER A 70 -22.67 -17.55 -6.60
N GLY A 71 -23.36 -18.62 -6.24
CA GLY A 71 -22.89 -19.55 -5.24
C GLY A 71 -23.90 -19.72 -4.13
N SER A 72 -23.49 -20.50 -3.13
CA SER A 72 -24.31 -20.71 -1.94
C SER A 72 -23.45 -21.39 -0.88
N GLY A 73 -23.92 -21.31 0.36
CA GLY A 73 -23.32 -22.05 1.46
C GLY A 73 -21.90 -21.63 1.76
N THR A 74 -20.95 -22.43 1.29
CA THR A 74 -19.54 -22.13 1.52
C THR A 74 -18.78 -21.76 0.26
N ASP A 75 -19.42 -21.77 -0.91
CA ASP A 75 -18.67 -21.51 -2.14
C ASP A 75 -19.35 -20.48 -3.03
N PHE A 76 -18.59 -19.46 -3.42
CA PHE A 76 -19.12 -18.30 -4.12
C PHE A 76 -18.17 -17.91 -5.23
N THR A 77 -18.72 -17.30 -6.28
CA THR A 77 -17.93 -16.90 -7.43
C THR A 77 -18.38 -15.55 -7.95
N LEU A 78 -17.42 -14.65 -8.15
CA LEU A 78 -17.62 -13.41 -8.88
C LEU A 78 -17.10 -13.57 -10.29
N LYS A 79 -17.93 -13.23 -11.28
CA LYS A 79 -17.54 -13.28 -12.68
C LYS A 79 -17.62 -11.90 -13.32
N ILE A 80 -16.62 -11.61 -14.14
CA ILE A 80 -16.59 -10.43 -15.00
C ILE A 80 -16.61 -10.96 -16.44
N SER A 81 -17.69 -10.65 -17.17
CA SER A 81 -17.87 -11.24 -18.50
C SER A 81 -16.78 -10.79 -19.47
N ARG A 82 -16.41 -9.51 -19.41
CA ARG A 82 -15.43 -8.91 -20.31
C ARG A 82 -14.73 -7.81 -19.51
N VAL A 83 -13.47 -8.02 -19.13
CA VAL A 83 -12.77 -7.08 -18.26
C VAL A 83 -12.52 -5.77 -18.99
N GLU A 84 -12.81 -4.66 -18.30
CA GLU A 84 -12.49 -3.31 -18.76
C GLU A 84 -11.41 -2.71 -17.86
N ALA A 85 -10.77 -1.65 -18.36
CA ALA A 85 -9.64 -1.06 -17.64
C ALA A 85 -10.04 -0.55 -16.26
N GLU A 86 -11.24 0.01 -16.14
CA GLU A 86 -11.69 0.50 -14.84
C GLU A 86 -11.92 -0.62 -13.82
N ASP A 87 -11.83 -1.88 -14.24
CA ASP A 87 -12.06 -3.01 -13.35
C ASP A 87 -10.80 -3.44 -12.60
N LEU A 88 -9.64 -2.90 -12.96
CA LEU A 88 -8.39 -3.37 -12.38
C LEU A 88 -8.25 -2.91 -10.94
N GLY A 89 -7.75 -3.78 -10.08
CA GLY A 89 -7.72 -3.47 -8.67
C GLY A 89 -7.79 -4.74 -7.84
N VAL A 90 -8.11 -4.59 -6.56
CA VAL A 90 -8.16 -5.72 -5.63
C VAL A 90 -9.61 -6.01 -5.28
N TYR A 91 -10.02 -7.26 -5.46
CA TYR A 91 -11.37 -7.71 -5.16
C TYR A 91 -11.38 -8.46 -3.83
N PHE A 92 -12.32 -8.13 -2.96
CA PHE A 92 -12.48 -8.79 -1.67
C PHE A 92 -13.87 -9.39 -1.59
N CYS A 93 -13.95 -10.63 -1.12
CA CYS A 93 -15.25 -11.10 -0.65
C CYS A 93 -15.37 -10.82 0.84
N PHE A 94 -16.61 -10.77 1.31
CA PHE A 94 -16.92 -10.38 2.68
C PHE A 94 -18.13 -11.18 3.16
N GLN A 95 -18.07 -11.70 4.37
CA GLN A 95 -19.23 -12.32 4.98
C GLN A 95 -19.69 -11.47 6.15
N GLY A 96 -20.98 -11.12 6.14
CA GLY A 96 -21.57 -10.31 7.18
C GLY A 96 -22.62 -11.05 7.98
N SER A 97 -22.57 -12.39 7.94
CA SER A 97 -23.56 -13.21 8.63
C SER A 97 -23.18 -13.53 10.07
N HIS A 98 -21.90 -13.72 10.34
CA HIS A 98 -21.45 -14.33 11.60
C HIS A 98 -20.36 -13.47 12.22
N VAL A 99 -20.55 -13.08 13.46
CA VAL A 99 -19.58 -12.23 14.17
C VAL A 99 -18.43 -13.09 14.66
N PRO A 100 -17.16 -12.69 14.44
CA PRO A 100 -16.74 -11.44 13.79
C PRO A 100 -16.88 -11.47 12.26
N LEU A 101 -17.41 -10.40 11.70
CA LEU A 101 -17.50 -10.31 10.25
C LEU A 101 -16.09 -10.34 9.66
N THR A 102 -15.94 -11.00 8.51
CA THR A 102 -14.61 -11.27 7.99
C THR A 102 -14.53 -11.07 6.48
N PHE A 103 -13.32 -10.76 6.02
CA PHE A 103 -13.01 -10.54 4.62
C PHE A 103 -12.07 -11.64 4.12
N GLY A 104 -12.15 -11.92 2.82
CA GLY A 104 -11.12 -12.71 2.19
C GLY A 104 -9.83 -11.90 2.02
N SER A 105 -8.76 -12.61 1.68
CA SER A 105 -7.45 -11.95 1.58
C SER A 105 -7.32 -11.10 0.33
N GLY A 106 -8.23 -11.22 -0.63
CA GLY A 106 -8.17 -10.33 -1.77
C GLY A 106 -7.54 -10.97 -2.99
N THR A 107 -8.00 -10.53 -4.16
CA THR A 107 -7.50 -10.99 -5.45
C THR A 107 -7.14 -9.78 -6.27
N LYS A 108 -5.89 -9.71 -6.71
CA LYS A 108 -5.44 -8.58 -7.52
C LYS A 108 -5.68 -8.90 -9.00
N LEU A 109 -6.62 -8.17 -9.60
CA LEU A 109 -6.85 -8.20 -11.04
C LEU A 109 -5.92 -7.18 -11.69
N GLU A 110 -5.01 -7.68 -12.53
CA GLU A 110 -3.93 -6.89 -13.13
C GLU A 110 -3.84 -7.18 -14.62
N ILE A 111 -3.08 -6.35 -15.32
CA ILE A 111 -2.91 -6.50 -16.77
C ILE A 111 -1.82 -7.52 -17.05
N LYS A 112 -2.11 -8.46 -17.94
CA LYS A 112 -1.13 -9.37 -18.49
C LYS A 112 -0.33 -8.67 -19.59
N ARG A 113 0.99 -8.82 -19.56
CA ARG A 113 1.84 -8.34 -20.64
C ARG A 113 2.96 -9.36 -20.85
N THR A 114 3.79 -9.12 -21.85
CA THR A 114 4.93 -10.00 -22.07
C THR A 114 5.93 -9.87 -20.93
N ASP A 115 6.69 -10.94 -20.73
CA ASP A 115 7.70 -10.92 -19.68
C ASP A 115 8.73 -9.83 -19.95
N ALA A 116 9.20 -9.20 -18.88
CA ALA A 116 10.19 -8.13 -18.96
C ALA A 116 11.19 -8.31 -17.85
N ALA A 117 12.47 -8.38 -18.23
CA ALA A 117 13.53 -8.58 -17.25
C ALA A 117 13.81 -7.27 -16.51
N PRO A 118 14.12 -7.35 -15.22
CA PRO A 118 14.38 -6.12 -14.45
C PRO A 118 15.67 -5.44 -14.88
N THR A 119 15.64 -4.11 -14.89
CA THR A 119 16.86 -3.30 -14.99
C THR A 119 17.38 -3.10 -13.57
N VAL A 120 18.55 -3.65 -13.27
CA VAL A 120 19.09 -3.64 -11.92
C VAL A 120 20.23 -2.64 -11.84
N SER A 121 20.14 -1.74 -10.87
CA SER A 121 21.16 -0.71 -10.65
C SER A 121 21.53 -0.68 -9.18
N ILE A 122 22.83 -0.73 -8.88
CA ILE A 122 23.33 -0.71 -7.51
C ILE A 122 24.13 0.56 -7.29
N PHE A 123 24.02 1.12 -6.09
CA PHE A 123 24.63 2.40 -5.75
C PHE A 123 25.33 2.32 -4.39
N PRO A 124 26.59 2.70 -4.33
CA PRO A 124 27.30 2.81 -3.05
C PRO A 124 26.77 3.96 -2.21
N PRO A 125 27.12 4.00 -0.93
CA PRO A 125 26.79 5.17 -0.11
C PRO A 125 27.32 6.46 -0.71
N SER A 126 26.56 7.52 -0.58
CA SER A 126 27.01 8.83 -1.00
C SER A 126 28.05 9.37 -0.03
N SER A 127 28.89 10.28 -0.51
CA SER A 127 29.84 10.93 0.38
C SER A 127 29.12 11.74 1.45
N GLU A 128 27.97 12.32 1.11
CA GLU A 128 27.15 13.03 2.09
C GLU A 128 26.78 12.13 3.26
N GLN A 129 26.24 10.94 2.95
CA GLN A 129 25.82 10.04 4.02
C GLN A 129 27.01 9.57 4.85
N LEU A 130 28.12 9.22 4.18
CA LEU A 130 29.31 8.78 4.91
C LEU A 130 29.82 9.88 5.83
N THR A 131 29.77 11.13 5.38
CA THR A 131 30.16 12.24 6.23
C THR A 131 29.28 12.30 7.47
N SER A 132 27.98 12.05 7.29
CA SER A 132 27.08 12.07 8.45
C SER A 132 27.22 10.84 9.35
N GLY A 133 27.94 9.79 8.93
CA GLY A 133 28.21 8.65 9.79
C GLY A 133 27.49 7.37 9.43
N GLY A 134 26.65 7.34 8.40
CA GLY A 134 25.92 6.15 8.02
C GLY A 134 26.35 5.65 6.65
N ALA A 135 25.83 4.48 6.26
CA ALA A 135 26.18 3.93 4.95
C ALA A 135 25.03 3.09 4.42
N SER A 136 24.31 3.60 3.43
CA SER A 136 23.26 2.85 2.76
C SER A 136 23.67 2.47 1.34
N VAL A 137 23.43 1.21 0.98
CA VAL A 137 23.62 0.72 -0.38
C VAL A 137 22.24 0.54 -0.99
N VAL A 138 22.03 1.05 -2.20
CA VAL A 138 20.69 1.01 -2.79
C VAL A 138 20.70 0.17 -4.06
N CYS A 139 19.65 -0.60 -4.26
CA CYS A 139 19.46 -1.38 -5.48
C CYS A 139 18.07 -1.10 -6.03
N PHE A 140 17.99 -0.59 -7.25
CA PHE A 140 16.71 -0.48 -7.95
C PHE A 140 16.58 -1.66 -8.90
N LEU A 141 15.38 -2.24 -8.94
CA LEU A 141 15.04 -3.33 -9.86
C LEU A 141 13.80 -2.84 -10.59
N ASN A 142 13.98 -2.33 -11.81
CA ASN A 142 12.96 -1.50 -12.44
C ASN A 142 12.35 -2.17 -13.67
N ASN A 143 11.05 -1.95 -13.83
CA ASN A 143 10.28 -2.24 -15.04
C ASN A 143 10.37 -3.71 -15.43
N PHE A 144 9.97 -4.57 -14.51
CA PHE A 144 9.93 -5.99 -14.75
C PHE A 144 8.50 -6.52 -14.74
N TYR A 145 8.34 -7.70 -15.32
CA TYR A 145 7.06 -8.39 -15.36
C TYR A 145 7.37 -9.87 -15.57
N PRO A 146 6.72 -10.79 -14.81
CA PRO A 146 5.66 -10.58 -13.83
C PRO A 146 6.15 -9.98 -12.52
N LYS A 147 5.21 -9.78 -11.59
CA LYS A 147 5.50 -8.99 -10.39
C LYS A 147 6.34 -9.75 -9.35
N ASP A 148 6.40 -11.08 -9.43
CA ASP A 148 7.08 -11.85 -8.40
C ASP A 148 8.59 -11.77 -8.61
N ILE A 149 9.30 -11.35 -7.57
CA ILE A 149 10.74 -11.17 -7.64
C ILE A 149 11.30 -11.32 -6.24
N ASN A 150 12.54 -11.79 -6.14
CA ASN A 150 13.19 -11.88 -4.84
C ASN A 150 14.56 -11.23 -4.90
N VAL A 151 14.91 -10.48 -3.87
CA VAL A 151 16.18 -9.78 -3.83
C VAL A 151 16.96 -10.24 -2.62
N LYS A 152 18.26 -10.45 -2.82
CA LYS A 152 19.19 -10.88 -1.80
C LYS A 152 20.40 -9.98 -1.83
N TRP A 153 20.86 -9.58 -0.65
CA TRP A 153 22.08 -8.80 -0.51
C TRP A 153 23.20 -9.73 -0.08
N LYS A 154 24.35 -9.57 -0.73
CA LYS A 154 25.54 -10.31 -0.33
C LYS A 154 26.67 -9.33 -0.08
N ILE A 155 27.34 -9.50 1.06
CA ILE A 155 28.49 -8.70 1.44
C ILE A 155 29.67 -9.65 1.57
N ASP A 156 30.72 -9.41 0.78
CA ASP A 156 31.85 -10.33 0.69
C ASP A 156 31.40 -11.77 0.49
N GLY A 157 30.32 -11.95 -0.28
CA GLY A 157 29.82 -13.27 -0.60
C GLY A 157 28.83 -13.87 0.39
N SER A 158 28.63 -13.25 1.55
CA SER A 158 27.72 -13.77 2.56
C SER A 158 26.40 -13.01 2.52
N GLU A 159 25.29 -13.73 2.54
CA GLU A 159 23.98 -13.06 2.53
C GLU A 159 23.80 -12.24 3.80
N ARG A 160 23.24 -11.04 3.63
CA ARG A 160 22.91 -10.15 4.73
C ARG A 160 21.44 -9.78 4.65
N GLN A 161 20.71 -9.94 5.76
CA GLN A 161 19.28 -9.66 5.79
C GLN A 161 18.87 -8.55 6.75
N ASN A 162 19.63 -8.29 7.80
CA ASN A 162 19.27 -7.22 8.72
C ASN A 162 19.68 -5.87 8.12
N GLY A 163 18.83 -4.87 8.34
CA GLY A 163 19.08 -3.55 7.79
C GLY A 163 18.55 -3.32 6.40
N VAL A 164 17.70 -4.22 5.90
CA VAL A 164 17.16 -4.12 4.55
C VAL A 164 15.76 -3.51 4.61
N LEU A 165 15.50 -2.53 3.75
CA LEU A 165 14.20 -1.89 3.61
C LEU A 165 13.78 -2.00 2.15
N ASN A 166 12.64 -2.62 1.90
CA ASN A 166 12.14 -2.85 0.54
C ASN A 166 10.88 -2.04 0.31
N SER A 167 10.71 -1.53 -0.90
CA SER A 167 9.48 -0.86 -1.29
C SER A 167 9.16 -1.22 -2.74
N TRP A 168 7.87 -1.34 -3.05
CA TRP A 168 7.39 -1.79 -4.36
C TRP A 168 6.38 -0.80 -4.93
N THR A 169 6.44 -0.59 -6.24
CA THR A 169 5.43 0.20 -6.94
C THR A 169 4.26 -0.68 -7.36
N ASP A 170 3.12 -0.04 -7.57
CA ASP A 170 1.99 -0.64 -8.23
C ASP A 170 2.27 -0.80 -9.72
N GLN A 171 1.42 -1.56 -10.41
CA GLN A 171 1.62 -1.78 -11.84
C GLN A 171 1.55 -0.46 -12.59
N ASP A 172 2.54 -0.25 -13.47
CA ASP A 172 2.62 1.00 -14.22
C ASP A 172 1.46 1.11 -15.20
N SER A 173 0.85 2.30 -15.26
CA SER A 173 -0.30 2.49 -16.14
C SER A 173 0.09 2.52 -17.61
N LYS A 174 1.35 2.82 -17.94
CA LYS A 174 1.74 2.96 -19.33
C LYS A 174 2.36 1.69 -19.92
N ASP A 175 3.24 1.01 -19.18
CA ASP A 175 3.86 -0.20 -19.71
C ASP A 175 3.55 -1.46 -18.91
N SER A 176 2.70 -1.37 -17.89
CA SER A 176 2.20 -2.53 -17.15
C SER A 176 3.30 -3.31 -16.42
N THR A 177 4.43 -2.67 -16.12
CA THR A 177 5.49 -3.34 -15.40
C THR A 177 5.44 -2.99 -13.91
N TYR A 178 6.32 -3.62 -13.15
CA TYR A 178 6.50 -3.38 -11.73
C TYR A 178 7.93 -2.95 -11.46
N SER A 179 8.13 -2.27 -10.34
CA SER A 179 9.47 -1.86 -9.92
C SER A 179 9.63 -2.06 -8.42
N MET A 180 10.90 -2.09 -7.99
CA MET A 180 11.24 -2.41 -6.62
C MET A 180 12.50 -1.66 -6.22
N SER A 181 12.54 -1.20 -4.97
CA SER A 181 13.72 -0.57 -4.40
C SER A 181 14.12 -1.32 -3.12
N SER A 182 15.42 -1.60 -2.99
CA SER A 182 15.94 -2.26 -1.80
C SER A 182 17.11 -1.44 -1.25
N THR A 183 17.05 -1.08 0.02
CA THR A 183 18.09 -0.27 0.67
C THR A 183 18.65 -1.06 1.84
N LEU A 184 19.96 -1.34 1.79
CA LEU A 184 20.67 -2.00 2.89
C LEU A 184 21.42 -0.92 3.65
N THR A 185 21.05 -0.69 4.91
CA THR A 185 21.72 0.31 5.73
C THR A 185 22.65 -0.34 6.74
N LEU A 186 23.89 0.10 6.72
CA LEU A 186 24.97 -0.33 7.60
C LEU A 186 25.49 0.88 8.38
N THR A 187 26.17 0.57 9.47
CA THR A 187 27.04 1.58 10.05
C THR A 187 28.22 1.81 9.12
N LYS A 188 28.82 3.00 9.25
CA LYS A 188 30.01 3.31 8.47
C LYS A 188 31.14 2.33 8.78
N ASP A 189 31.29 1.94 10.04
CA ASP A 189 32.29 0.93 10.40
C ASP A 189 32.07 -0.37 9.64
N GLU A 190 30.82 -0.84 9.59
CA GLU A 190 30.51 -2.06 8.87
C GLU A 190 30.87 -1.91 7.40
N TYR A 191 30.49 -0.78 6.79
CA TYR A 191 30.80 -0.56 5.39
C TYR A 191 32.30 -0.59 5.15
N GLU A 192 33.08 -0.04 6.08
CA GLU A 192 34.53 -0.01 5.96
C GLU A 192 35.17 -1.35 6.31
N ARG A 193 34.38 -2.30 6.83
CA ARG A 193 34.81 -3.65 7.20
C ARG A 193 34.79 -4.62 6.03
N HIS A 194 34.07 -4.30 4.95
CA HIS A 194 33.83 -5.22 3.85
C HIS A 194 34.08 -4.50 2.54
N ASN A 195 34.29 -5.28 1.48
CA ASN A 195 34.66 -4.68 0.20
C ASN A 195 33.68 -4.95 -0.92
N SER A 196 33.11 -6.15 -1.02
CA SER A 196 32.28 -6.53 -2.15
C SER A 196 30.80 -6.45 -1.76
N TYR A 197 30.03 -5.69 -2.53
CA TYR A 197 28.61 -5.47 -2.25
C TYR A 197 27.79 -5.85 -3.46
N THR A 198 26.82 -6.73 -3.26
CA THR A 198 26.09 -7.35 -4.35
C THR A 198 24.59 -7.37 -4.09
N CYS A 199 23.83 -6.96 -5.10
CA CYS A 199 22.39 -7.09 -5.18
C CYS A 199 22.07 -8.20 -6.18
N GLU A 200 21.31 -9.21 -5.73
CA GLU A 200 20.99 -10.40 -6.52
C GLU A 200 19.48 -10.55 -6.62
N ALA A 201 18.96 -10.59 -7.85
CA ALA A 201 17.53 -10.73 -8.08
C ALA A 201 17.21 -12.07 -8.69
N THR A 202 16.17 -12.73 -8.19
CA THR A 202 15.62 -13.93 -8.80
C THR A 202 14.29 -13.54 -9.43
N HIS A 203 14.19 -13.78 -10.74
CA HIS A 203 13.02 -13.42 -11.54
C HIS A 203 12.89 -14.44 -12.65
N LYS A 204 11.65 -14.64 -13.11
CA LYS A 204 11.37 -15.68 -14.09
C LYS A 204 12.13 -15.48 -15.40
N THR A 205 12.56 -14.25 -15.70
CA THR A 205 13.19 -13.96 -16.99
C THR A 205 14.64 -14.42 -17.08
N SER A 206 15.21 -14.95 -15.99
CA SER A 206 16.52 -15.62 -16.05
C SER A 206 16.49 -16.83 -15.14
N THR A 207 17.09 -17.95 -15.59
CA THR A 207 17.18 -19.12 -14.72
C THR A 207 18.25 -18.99 -13.65
N SER A 208 19.18 -18.06 -13.81
CA SER A 208 20.20 -17.74 -12.81
C SER A 208 19.92 -16.38 -12.19
N PRO A 209 20.43 -16.12 -10.98
CA PRO A 209 20.24 -14.80 -10.39
C PRO A 209 20.84 -13.71 -11.25
N ILE A 210 20.18 -12.55 -11.23
CA ILE A 210 20.56 -11.36 -11.97
C ILE A 210 21.32 -10.48 -10.99
N VAL A 211 22.60 -10.24 -11.26
CA VAL A 211 23.53 -9.76 -10.25
C VAL A 211 24.10 -8.40 -10.65
N LYS A 212 24.20 -7.49 -9.68
CA LYS A 212 24.97 -6.26 -9.84
C LYS A 212 25.79 -6.03 -8.58
N SER A 213 27.05 -5.64 -8.75
CA SER A 213 27.99 -5.53 -7.64
C SER A 213 28.86 -4.30 -7.80
N PHE A 214 29.50 -3.92 -6.69
CA PHE A 214 30.63 -3.01 -6.74
C PHE A 214 31.59 -3.38 -5.62
N ASN A 215 32.85 -2.97 -5.79
CA ASN A 215 33.88 -3.10 -4.76
C ASN A 215 34.10 -1.73 -4.14
N ARG A 216 34.01 -1.65 -2.81
CA ARG A 216 34.11 -0.36 -2.14
C ARG A 216 35.41 0.37 -2.45
N ASN A 217 36.53 -0.35 -2.49
CA ASN A 217 37.81 0.34 -2.62
C ASN A 217 38.14 0.73 -4.05
N GLU A 218 37.22 0.53 -5.00
CA GLU A 218 37.42 1.00 -6.36
C GLU A 218 36.51 2.19 -6.67
N GLU B 1 -29.52 14.25 -0.20
CA GLU B 1 -28.08 14.38 -0.09
C GLU B 1 -27.51 13.34 0.88
N PHE B 2 -26.23 13.03 0.72
CA PHE B 2 -25.56 12.10 1.63
C PHE B 2 -24.09 12.46 1.76
N GLN B 3 -23.59 12.45 2.99
CA GLN B 3 -22.17 12.64 3.25
C GLN B 3 -21.74 11.73 4.39
N LEU B 4 -20.54 11.17 4.25
CA LEU B 4 -19.91 10.37 5.30
C LEU B 4 -18.50 10.92 5.52
N GLN B 5 -18.26 11.48 6.70
CA GLN B 5 -17.03 12.21 6.96
C GLN B 5 -16.25 11.56 8.08
N GLN B 6 -14.95 11.37 7.86
CA GLN B 6 -14.03 10.85 8.86
C GLN B 6 -13.00 11.90 9.22
N SER B 7 -12.49 11.83 10.44
CA SER B 7 -11.46 12.77 10.87
C SER B 7 -10.13 12.46 10.18
N GLY B 8 -9.19 13.39 10.29
CA GLY B 8 -7.96 13.36 9.53
C GLY B 8 -6.86 12.52 10.13
N PRO B 9 -5.70 12.52 9.48
CA PRO B 9 -4.61 11.63 9.90
C PRO B 9 -4.12 11.93 11.31
N GLU B 10 -3.73 10.87 12.02
CA GLU B 10 -3.28 10.94 13.40
C GLU B 10 -1.86 10.41 13.50
N LEU B 11 -1.05 11.09 14.32
CA LEU B 11 0.30 10.66 14.67
C LEU B 11 0.32 10.45 16.18
N VAL B 12 0.65 9.25 16.64
CA VAL B 12 0.54 8.94 18.07
C VAL B 12 1.78 8.19 18.54
N LYS B 13 2.20 8.45 19.77
CA LYS B 13 3.35 7.77 20.34
C LYS B 13 2.95 6.38 20.86
N PRO B 14 3.90 5.44 20.84
CA PRO B 14 3.59 4.10 21.36
C PRO B 14 3.10 4.15 22.80
N GLY B 15 2.09 3.34 23.10
CA GLY B 15 1.48 3.33 24.41
C GLY B 15 0.44 4.38 24.66
N ALA B 16 0.31 5.38 23.78
CA ALA B 16 -0.73 6.37 23.91
C ALA B 16 -2.01 5.87 23.25
N SER B 17 -3.07 6.66 23.36
CA SER B 17 -4.37 6.34 22.80
C SER B 17 -4.84 7.45 21.87
N VAL B 18 -5.80 7.11 21.00
CA VAL B 18 -6.32 8.08 20.04
C VAL B 18 -7.82 7.86 19.88
N LYS B 19 -8.53 8.91 19.49
CA LYS B 19 -9.97 8.82 19.27
C LYS B 19 -10.30 9.47 17.93
N ILE B 20 -10.87 8.69 17.00
CA ILE B 20 -11.17 9.16 15.66
C ILE B 20 -12.69 9.12 15.47
N SER B 21 -13.16 9.87 14.47
CA SER B 21 -14.60 10.12 14.36
C SER B 21 -15.12 9.82 12.96
N CYS B 22 -16.43 9.61 12.91
CA CYS B 22 -17.17 9.36 11.68
C CYS B 22 -18.58 9.91 11.83
N LYS B 23 -19.08 10.59 10.81
CA LYS B 23 -20.42 11.17 10.86
C LYS B 23 -21.12 10.98 9.53
N ALA B 24 -22.32 10.41 9.57
CA ALA B 24 -23.21 10.33 8.42
C ALA B 24 -24.24 11.45 8.51
N SER B 25 -24.46 12.14 7.40
CA SER B 25 -25.44 13.21 7.36
C SER B 25 -26.17 13.21 6.02
N GLY B 26 -27.35 13.82 6.02
CA GLY B 26 -28.17 13.87 4.84
C GLY B 26 -29.63 13.55 5.14
N ASP B 27 -30.49 13.78 4.16
CA ASP B 27 -31.92 13.47 4.27
C ASP B 27 -32.29 12.19 3.53
N SER B 28 -31.31 11.33 3.26
CA SER B 28 -31.48 10.20 2.34
C SER B 28 -31.56 8.85 3.05
N PHE B 29 -31.74 8.84 4.37
CA PHE B 29 -31.76 7.59 5.11
C PHE B 29 -32.44 7.81 6.46
N THR B 30 -32.87 6.71 7.09
CA THR B 30 -33.46 6.76 8.42
C THR B 30 -32.56 5.99 9.36
N ASP B 31 -32.87 4.73 9.68
CA ASP B 31 -32.00 3.94 10.54
C ASP B 31 -30.73 3.55 9.79
N TYR B 32 -29.63 3.47 10.53
CA TYR B 32 -28.35 3.14 9.91
C TYR B 32 -27.40 2.69 11.02
N ASN B 33 -26.30 2.07 10.61
CA ASN B 33 -25.22 1.82 11.56
C ASN B 33 -23.88 2.07 10.87
N LEU B 34 -22.84 2.18 11.71
CA LEU B 34 -21.50 2.54 11.29
C LEU B 34 -20.54 1.48 11.79
N SER B 35 -19.77 0.89 10.88
CA SER B 35 -18.81 -0.15 11.18
C SER B 35 -17.41 0.41 10.98
N TRP B 36 -16.46 -0.12 11.73
CA TRP B 36 -15.06 0.30 11.62
C TRP B 36 -14.24 -0.87 11.08
N VAL B 37 -13.42 -0.60 10.06
CA VAL B 37 -12.64 -1.62 9.36
C VAL B 37 -11.18 -1.17 9.27
N LYS B 38 -10.26 -2.05 9.64
CA LYS B 38 -8.83 -1.78 9.65
C LYS B 38 -8.18 -2.36 8.40
N GLN B 39 -7.33 -1.56 7.74
CA GLN B 39 -6.56 -2.05 6.60
C GLN B 39 -5.08 -1.74 6.79
N ILE B 40 -4.28 -2.79 6.89
CA ILE B 40 -2.84 -2.71 6.71
C ILE B 40 -2.52 -3.31 5.34
N SER B 44 -5.70 -6.08 2.96
CA SER B 44 -6.10 -6.89 4.12
C SER B 44 -7.07 -6.13 5.01
N LEU B 45 -8.34 -6.53 4.98
CA LEU B 45 -9.41 -5.85 5.70
C LEU B 45 -9.82 -6.65 6.92
N GLU B 46 -9.99 -5.95 8.04
CA GLU B 46 -10.41 -6.55 9.30
C GLU B 46 -11.52 -5.72 9.93
N TRP B 47 -12.62 -6.37 10.27
CA TRP B 47 -13.76 -5.69 10.86
C TRP B 47 -13.56 -5.56 12.37
N ILE B 48 -13.69 -4.35 12.89
CA ILE B 48 -13.46 -4.08 14.30
C ILE B 48 -14.76 -4.16 15.11
N GLY B 49 -15.82 -3.56 14.60
CA GLY B 49 -17.08 -3.52 15.33
C GLY B 49 -18.04 -2.58 14.65
N VAL B 50 -19.24 -2.51 15.23
CA VAL B 50 -20.33 -1.71 14.68
C VAL B 50 -21.03 -0.99 15.83
N ILE B 51 -21.48 0.23 15.55
CA ILE B 51 -22.30 1.01 16.46
C ILE B 51 -23.51 1.53 15.69
N ASN B 52 -24.68 1.45 16.31
CA ASN B 52 -25.86 2.12 15.78
C ASN B 52 -25.99 3.46 16.50
N PRO B 53 -25.71 4.58 15.84
CA PRO B 53 -25.70 5.87 16.57
C PRO B 53 -27.03 6.24 17.20
N ASN B 54 -28.16 5.83 16.61
CA ASN B 54 -29.45 6.23 17.17
C ASN B 54 -29.84 5.44 18.41
N TYR B 55 -29.23 4.29 18.64
CA TYR B 55 -29.52 3.49 19.84
C TYR B 55 -28.31 3.25 20.72
N GLY B 56 -27.11 3.62 20.29
CA GLY B 56 -25.91 3.38 21.07
C GLY B 56 -25.50 1.93 21.17
N THR B 57 -26.23 1.01 20.54
CA THR B 57 -25.88 -0.40 20.61
C THR B 57 -24.63 -0.68 19.80
N THR B 58 -23.82 -1.60 20.30
CA THR B 58 -22.53 -1.92 19.72
C THR B 58 -22.36 -3.42 19.67
N THR B 59 -21.64 -3.89 18.66
CA THR B 59 -21.15 -5.26 18.64
C THR B 59 -19.69 -5.24 18.22
N TYR B 60 -18.85 -5.96 18.95
CA TYR B 60 -17.42 -5.91 18.72
C TYR B 60 -16.91 -7.24 18.17
N ASN B 61 -15.85 -7.14 17.38
CA ASN B 61 -14.94 -8.25 17.18
C ASN B 61 -14.19 -8.46 18.49
N GLN B 62 -14.32 -9.65 19.09
CA GLN B 62 -13.71 -9.88 20.39
C GLN B 62 -12.22 -9.58 20.37
N LYS B 63 -11.57 -9.77 19.22
CA LYS B 63 -10.16 -9.42 19.06
C LYS B 63 -9.87 -7.97 19.46
N PHE B 64 -10.85 -7.09 19.30
CA PHE B 64 -10.65 -5.67 19.55
C PHE B 64 -11.35 -5.18 20.82
N LYS B 65 -11.80 -6.09 21.69
CA LYS B 65 -12.61 -5.69 22.83
C LYS B 65 -11.86 -4.75 23.78
N ALA B 66 -10.57 -4.98 23.97
CA ALA B 66 -9.79 -4.04 24.78
C ALA B 66 -9.21 -2.91 23.94
N LYS B 67 -8.82 -3.23 22.69
CA LYS B 67 -8.10 -2.27 21.86
C LYS B 67 -9.00 -1.14 21.37
N ALA B 68 -10.28 -1.42 21.14
CA ALA B 68 -11.20 -0.43 20.60
C ALA B 68 -12.39 -0.21 21.53
N THR B 69 -12.83 1.05 21.63
CA THR B 69 -14.06 1.43 22.30
C THR B 69 -14.87 2.29 21.35
N LEU B 70 -16.08 1.86 21.03
CA LEU B 70 -16.96 2.59 20.13
C LEU B 70 -17.99 3.36 20.95
N THR B 71 -18.14 4.66 20.65
CA THR B 71 -19.09 5.50 21.36
C THR B 71 -19.83 6.37 20.35
N VAL B 72 -20.89 7.03 20.82
CA VAL B 72 -21.61 7.99 20.00
C VAL B 72 -21.88 9.24 20.82
N ASP B 73 -21.63 10.40 20.20
CA ASP B 73 -22.10 11.70 20.66
C ASP B 73 -23.44 11.91 19.97
N GLN B 74 -24.53 11.62 20.69
CA GLN B 74 -25.87 11.73 20.12
C GLN B 74 -26.30 13.19 19.96
N SER B 75 -25.63 14.13 20.64
CA SER B 75 -25.90 15.54 20.41
C SER B 75 -25.57 15.94 18.97
N SER B 76 -24.45 15.46 18.45
CA SER B 76 -23.98 15.82 17.11
C SER B 76 -24.14 14.68 16.12
N SER B 77 -24.66 13.52 16.55
CA SER B 77 -24.74 12.33 15.71
C SER B 77 -23.38 11.93 15.18
N THR B 78 -22.35 12.03 16.02
CA THR B 78 -20.98 11.69 15.63
C THR B 78 -20.54 10.43 16.36
N ALA B 79 -20.10 9.44 15.60
CA ALA B 79 -19.55 8.22 16.17
C ALA B 79 -18.06 8.36 16.36
N TYR B 80 -17.54 7.71 17.39
CA TYR B 80 -16.12 7.73 17.71
C TYR B 80 -15.62 6.31 17.95
N MET B 81 -14.38 6.07 17.53
CA MET B 81 -13.64 4.89 17.91
C MET B 81 -12.37 5.34 18.63
N GLN B 82 -12.22 4.88 19.87
CA GLN B 82 -11.00 5.08 20.63
C GLN B 82 -10.15 3.82 20.53
N LEU B 83 -8.91 3.99 20.11
CA LEU B 83 -7.93 2.91 20.03
C LEU B 83 -6.90 3.13 21.13
N ASN B 84 -6.69 2.09 21.95
CA ASN B 84 -5.99 2.22 23.22
C ASN B 84 -4.64 1.49 23.20
N SER B 85 -3.66 2.09 23.87
CA SER B 85 -2.36 1.46 24.13
C SER B 85 -1.70 1.01 22.83
N LEU B 86 -1.38 2.01 22.01
CA LEU B 86 -1.02 1.75 20.64
C LEU B 86 0.39 1.16 20.52
N THR B 87 0.52 0.20 19.60
CA THR B 87 1.78 -0.36 19.18
C THR B 87 1.88 -0.21 17.66
N SER B 88 3.02 -0.59 17.09
CA SER B 88 3.18 -0.52 15.64
C SER B 88 2.17 -1.40 14.92
N GLU B 89 1.63 -2.42 15.59
CA GLU B 89 0.55 -3.23 15.05
C GLU B 89 -0.66 -2.39 14.67
N ASP B 90 -0.80 -1.20 15.26
CA ASP B 90 -2.00 -0.39 15.09
C ASP B 90 -1.89 0.65 13.98
N SER B 91 -0.70 0.87 13.41
CA SER B 91 -0.56 1.78 12.28
C SER B 91 -1.30 1.19 11.09
N ALA B 92 -2.24 1.96 10.52
CA ALA B 92 -3.13 1.40 9.50
C ALA B 92 -4.06 2.50 9.02
N VAL B 93 -4.86 2.18 8.01
CA VAL B 93 -5.98 3.02 7.61
C VAL B 93 -7.25 2.45 8.23
N TYR B 94 -8.06 3.31 8.83
CA TYR B 94 -9.29 2.89 9.47
C TYR B 94 -10.47 3.49 8.72
N TYR B 95 -11.27 2.63 8.11
CA TYR B 95 -12.45 3.03 7.37
C TYR B 95 -13.70 2.99 8.23
N CYS B 96 -14.57 3.95 8.00
CA CYS B 96 -15.94 3.91 8.51
C CYS B 96 -16.86 3.48 7.37
N ALA B 97 -17.69 2.47 7.64
CA ALA B 97 -18.57 1.89 6.64
C ALA B 97 -20.02 2.01 7.11
N PHE B 98 -20.80 2.78 6.36
CA PHE B 98 -22.20 3.09 6.64
C PHE B 98 -23.09 2.01 6.02
N SER B 99 -24.09 1.57 6.78
CA SER B 99 -25.07 0.59 6.31
C SER B 99 -26.47 1.07 6.64
N SER B 100 -27.38 0.95 5.65
CA SER B 100 -28.77 1.36 5.84
C SER B 100 -29.65 0.43 5.01
N ARG B 101 -30.96 0.71 5.02
CA ARG B 101 -31.91 -0.18 4.35
C ARG B 101 -31.60 -0.34 2.88
N LEU B 102 -31.23 0.75 2.20
CA LEU B 102 -31.11 0.75 0.74
C LEU B 102 -29.69 0.90 0.22
N PHE B 103 -28.74 1.38 1.03
CA PHE B 103 -27.39 1.51 0.49
C PHE B 103 -26.38 1.50 1.64
N GLY B 104 -25.14 1.14 1.27
CA GLY B 104 -24.00 1.32 2.12
C GLY B 104 -22.97 2.24 1.47
N TYR B 105 -21.95 2.60 2.23
CA TYR B 105 -20.95 3.51 1.69
C TYR B 105 -19.76 3.53 2.64
N TRP B 106 -18.55 3.49 2.08
CA TRP B 106 -17.34 3.57 2.89
C TRP B 106 -16.75 4.97 2.83
N GLY B 107 -16.32 5.48 4.00
CA GLY B 107 -15.64 6.75 4.06
C GLY B 107 -14.24 6.69 3.46
N GLN B 108 -13.57 7.85 3.46
CA GLN B 108 -12.26 7.97 2.85
C GLN B 108 -11.14 7.37 3.69
N GLY B 109 -11.41 7.07 4.96
CA GLY B 109 -10.40 6.46 5.81
C GLY B 109 -9.64 7.49 6.62
N THR B 110 -9.20 7.05 7.80
CA THR B 110 -8.35 7.82 8.70
C THR B 110 -7.05 7.06 8.87
N THR B 111 -5.93 7.67 8.50
CA THR B 111 -4.65 7.01 8.67
C THR B 111 -4.11 7.28 10.07
N LEU B 112 -3.64 6.22 10.72
CA LEU B 112 -2.99 6.31 12.02
C LEU B 112 -1.55 5.82 11.88
N THR B 113 -0.61 6.63 12.35
CA THR B 113 0.81 6.28 12.32
C THR B 113 1.35 6.34 13.75
N VAL B 114 1.88 5.21 14.23
CA VAL B 114 2.45 5.10 15.57
C VAL B 114 3.97 5.23 15.45
N SER B 115 4.53 6.19 16.17
CA SER B 115 5.97 6.42 16.18
C SER B 115 6.32 7.27 17.40
N SER B 116 7.49 7.00 17.95
CA SER B 116 7.98 7.81 19.05
C SER B 116 8.67 9.10 18.58
N ALA B 117 8.80 9.28 17.26
CA ALA B 117 9.57 10.39 16.74
C ALA B 117 8.78 11.69 16.76
N SER B 118 9.49 12.78 17.00
CA SER B 118 8.97 14.10 16.72
C SER B 118 9.26 14.45 15.27
N THR B 119 8.74 15.59 14.82
CA THR B 119 9.03 16.08 13.49
C THR B 119 10.53 16.10 13.25
N THR B 120 10.97 15.45 12.17
CA THR B 120 12.38 15.27 11.88
C THR B 120 12.58 15.49 10.38
N PRO B 121 13.47 16.38 9.97
CA PRO B 121 13.65 16.65 8.54
C PRO B 121 14.38 15.50 7.87
N PRO B 122 14.24 15.36 6.56
CA PRO B 122 14.92 14.28 5.85
C PRO B 122 16.37 14.63 5.53
N SER B 123 17.19 13.60 5.45
CA SER B 123 18.48 13.68 4.80
C SER B 123 18.32 13.19 3.36
N VAL B 124 18.92 13.92 2.43
CA VAL B 124 18.74 13.66 1.01
C VAL B 124 20.09 13.31 0.42
N TYR B 125 20.21 12.09 -0.11
CA TYR B 125 21.47 11.55 -0.59
C TYR B 125 21.38 11.27 -2.09
N PRO B 126 22.38 11.67 -2.85
CA PRO B 126 22.37 11.39 -4.29
C PRO B 126 22.84 9.97 -4.58
N LEU B 127 22.22 9.36 -5.58
CA LEU B 127 22.59 8.03 -6.06
C LEU B 127 23.10 8.17 -7.49
N ALA B 128 24.41 8.06 -7.66
CA ALA B 128 25.06 8.16 -8.96
C ALA B 128 25.82 6.87 -9.26
N PRO B 129 25.88 6.47 -10.53
CA PRO B 129 26.50 5.19 -10.86
C PRO B 129 28.00 5.22 -10.63
N GLY B 130 28.53 4.09 -10.15
CA GLY B 130 29.96 3.99 -9.92
C GLY B 130 30.76 3.70 -11.18
N SER B 131 30.10 3.30 -12.26
CA SER B 131 30.74 2.99 -13.52
C SER B 131 30.19 3.90 -14.61
N ALA B 132 31.07 4.35 -15.49
CA ALA B 132 30.67 5.21 -16.60
C ALA B 132 29.82 4.42 -17.60
N ALA B 133 29.13 5.17 -18.45
CA ALA B 133 28.10 4.59 -19.31
C ALA B 133 28.62 4.38 -20.72
N GLN B 134 28.12 3.32 -21.34
CA GLN B 134 28.39 3.07 -22.74
C GLN B 134 27.61 4.06 -23.62
N THR B 135 28.12 4.28 -24.84
CA THR B 135 27.41 5.10 -25.80
C THR B 135 26.01 4.54 -26.07
N ASN B 136 25.07 5.46 -26.27
CA ASN B 136 23.67 5.13 -26.59
C ASN B 136 23.12 4.09 -25.62
N SER B 137 23.26 4.37 -24.33
CA SER B 137 22.70 3.52 -23.29
C SER B 137 21.83 4.36 -22.37
N MET B 138 21.09 3.69 -21.51
CA MET B 138 20.30 4.36 -20.49
C MET B 138 21.05 4.33 -19.17
N VAL B 139 21.02 5.46 -18.47
CA VAL B 139 21.66 5.64 -17.18
C VAL B 139 20.58 5.84 -16.13
N THR B 140 20.70 5.12 -15.02
CA THR B 140 19.75 5.24 -13.91
C THR B 140 20.40 5.99 -12.76
N LEU B 141 19.76 7.07 -12.33
CA LEU B 141 20.16 7.89 -11.20
C LEU B 141 19.10 7.79 -10.13
N GLY B 142 19.43 8.28 -8.94
CA GLY B 142 18.45 8.18 -7.87
C GLY B 142 18.66 9.19 -6.77
N CYS B 143 17.71 9.17 -5.84
CA CYS B 143 17.64 10.07 -4.71
C CYS B 143 17.15 9.22 -3.53
N LEU B 144 17.92 9.19 -2.44
CA LEU B 144 17.55 8.46 -1.24
C LEU B 144 17.19 9.46 -0.14
N VAL B 145 15.98 9.34 0.41
CA VAL B 145 15.42 10.33 1.33
C VAL B 145 15.16 9.62 2.65
N LYS B 146 16.00 9.88 3.65
CA LYS B 146 16.09 9.01 4.80
C LYS B 146 15.88 9.79 6.11
N GLY B 147 15.27 9.11 7.08
CA GLY B 147 15.29 9.57 8.46
C GLY B 147 14.34 10.68 8.81
N TYR B 148 13.19 10.76 8.15
CA TYR B 148 12.26 11.86 8.38
C TYR B 148 10.98 11.39 9.04
N PHE B 149 10.25 12.35 9.62
CA PHE B 149 8.93 12.08 10.18
C PHE B 149 8.19 13.40 10.29
N PRO B 150 6.89 13.45 9.96
CA PRO B 150 6.02 12.40 9.42
C PRO B 150 5.97 12.45 7.91
N GLU B 151 5.14 11.60 7.31
CA GLU B 151 4.80 11.79 5.91
C GLU B 151 3.91 13.03 5.77
N PRO B 152 3.92 13.69 4.60
CA PRO B 152 4.65 13.32 3.38
C PRO B 152 5.94 14.08 3.14
N VAL B 153 6.85 13.43 2.42
CA VAL B 153 7.89 14.11 1.66
CA VAL B 153 7.87 14.14 1.66
C VAL B 153 7.44 14.09 0.21
N THR B 154 7.81 15.13 -0.53
N THR B 154 7.87 15.09 -0.55
CA THR B 154 7.61 15.13 -1.98
CA THR B 154 7.61 15.17 -1.97
C THR B 154 8.97 15.12 -2.66
C THR B 154 8.93 15.21 -2.72
N VAL B 155 9.02 14.43 -3.79
CA VAL B 155 10.22 14.34 -4.62
C VAL B 155 9.83 14.61 -6.06
N THR B 156 10.58 15.49 -6.71
CA THR B 156 10.46 15.71 -8.14
C THR B 156 11.86 15.72 -8.72
N TRP B 157 11.94 15.72 -10.05
CA TRP B 157 13.22 15.77 -10.75
C TRP B 157 13.22 16.97 -11.69
N ASN B 158 14.28 17.78 -11.61
CA ASN B 158 14.40 19.00 -12.40
C ASN B 158 13.14 19.85 -12.29
N SER B 159 12.64 19.98 -11.05
CA SER B 159 11.48 20.82 -10.74
C SER B 159 10.24 20.38 -11.51
N GLY B 160 10.12 19.08 -11.75
CA GLY B 160 8.98 18.52 -12.43
C GLY B 160 9.09 18.44 -13.93
N SER B 161 10.20 18.89 -14.52
CA SER B 161 10.38 18.83 -15.96
C SER B 161 10.94 17.50 -16.43
N LEU B 162 11.47 16.70 -15.52
CA LEU B 162 11.88 15.32 -15.78
C LEU B 162 10.82 14.43 -15.14
N SER B 163 9.90 13.92 -15.96
CA SER B 163 8.80 13.09 -15.48
C SER B 163 8.78 11.70 -16.09
N SER B 164 9.17 11.55 -17.36
CA SER B 164 9.27 10.23 -17.95
C SER B 164 10.43 9.46 -17.34
N GLY B 165 10.24 8.16 -17.15
CA GLY B 165 11.27 7.32 -16.60
C GLY B 165 11.54 7.49 -15.12
N VAL B 166 10.61 8.06 -14.37
CA VAL B 166 10.75 8.27 -12.93
C VAL B 166 9.96 7.18 -12.21
N HIS B 167 10.56 6.60 -11.17
CA HIS B 167 9.88 5.75 -10.20
C HIS B 167 10.10 6.32 -8.81
N THR B 168 9.03 6.75 -8.15
CA THR B 168 9.11 7.10 -6.74
C THR B 168 8.46 5.99 -5.94
N PHE B 169 9.19 5.46 -4.99
CA PHE B 169 8.77 4.29 -4.25
C PHE B 169 8.08 4.70 -2.95
N PRO B 170 7.00 4.02 -2.59
CA PRO B 170 6.26 4.39 -1.38
C PRO B 170 7.15 4.40 -0.15
N ALA B 171 6.92 5.37 0.72
CA ALA B 171 7.70 5.52 1.94
C ALA B 171 7.43 4.34 2.88
N VAL B 172 8.47 3.95 3.61
CA VAL B 172 8.39 2.84 4.56
C VAL B 172 8.85 3.34 5.93
N LEU B 173 8.04 3.09 6.95
CA LEU B 173 8.39 3.42 8.32
C LEU B 173 9.18 2.27 8.95
N GLN B 174 10.33 2.61 9.52
CA GLN B 174 11.22 1.63 10.14
C GLN B 174 11.93 2.34 11.28
N SER B 175 11.95 1.71 12.45
CA SER B 175 12.57 2.28 13.65
C SER B 175 12.16 3.74 13.82
N ASP B 176 10.86 3.99 13.69
CA ASP B 176 10.19 5.25 13.96
C ASP B 176 10.43 6.32 12.90
N LEU B 177 11.23 6.06 11.86
CA LEU B 177 11.47 7.08 10.84
C LEU B 177 11.23 6.52 9.45
N TYR B 178 10.96 7.41 8.51
CA TYR B 178 10.63 7.01 7.14
C TYR B 178 11.85 6.99 6.24
N THR B 179 11.83 6.07 5.27
CA THR B 179 12.74 6.06 4.13
C THR B 179 11.91 6.04 2.86
N LEU B 180 12.32 6.85 1.89
CA LEU B 180 11.74 6.87 0.55
C LEU B 180 12.90 6.94 -0.44
N SER B 181 12.67 6.43 -1.65
CA SER B 181 13.67 6.57 -2.70
C SER B 181 12.97 6.84 -4.00
N SER B 182 13.73 7.40 -4.94
CA SER B 182 13.22 7.71 -6.27
C SER B 182 14.34 7.50 -7.27
N SER B 183 14.01 6.88 -8.40
CA SER B 183 14.94 6.66 -9.49
C SER B 183 14.47 7.39 -10.74
N VAL B 184 15.41 7.76 -11.58
CA VAL B 184 15.10 8.34 -12.89
C VAL B 184 16.10 7.80 -13.89
N THR B 185 15.61 7.44 -15.07
CA THR B 185 16.42 6.86 -16.12
C THR B 185 16.43 7.79 -17.31
N VAL B 186 17.63 8.12 -17.79
CA VAL B 186 17.82 9.08 -18.88
C VAL B 186 18.85 8.54 -19.85
N PRO B 187 18.85 9.01 -21.10
CA PRO B 187 19.89 8.57 -22.03
C PRO B 187 21.27 9.05 -21.59
N SER B 188 22.29 8.25 -21.91
CA SER B 188 23.66 8.62 -21.58
C SER B 188 24.09 9.92 -22.24
N SER B 189 23.45 10.31 -23.34
CA SER B 189 23.77 11.55 -24.02
C SER B 189 23.21 12.78 -23.30
N THR B 190 22.38 12.60 -22.28
CA THR B 190 21.77 13.72 -21.58
C THR B 190 22.34 13.95 -20.18
N TRP B 191 22.96 12.94 -19.56
CA TRP B 191 23.62 13.10 -18.27
C TRP B 191 24.96 12.39 -18.37
N PRO B 192 26.04 13.00 -17.85
CA PRO B 192 26.05 14.23 -17.05
C PRO B 192 26.12 15.55 -17.80
N SER B 193 25.98 15.56 -19.14
CA SER B 193 26.13 16.80 -19.88
C SER B 193 25.02 17.81 -19.59
N GLU B 194 23.85 17.34 -19.17
CA GLU B 194 22.80 18.21 -18.65
C GLU B 194 22.58 17.85 -17.19
N THR B 195 22.24 18.86 -16.38
CA THR B 195 22.13 18.60 -14.95
C THR B 195 20.84 17.85 -14.63
N VAL B 196 20.93 16.97 -13.65
CA VAL B 196 19.79 16.24 -13.11
C VAL B 196 19.79 16.48 -11.60
N THR B 197 18.67 16.97 -11.08
CA THR B 197 18.55 17.36 -9.68
C THR B 197 17.28 16.75 -9.10
N CYS B 198 17.39 16.13 -7.92
CA CYS B 198 16.17 15.73 -7.23
C CYS B 198 15.80 16.83 -6.23
N ASN B 199 14.53 17.20 -6.24
CA ASN B 199 13.97 18.27 -5.42
C ASN B 199 13.09 17.63 -4.36
N VAL B 200 13.46 17.79 -3.10
CA VAL B 200 12.78 17.14 -1.99
C VAL B 200 12.19 18.23 -1.09
N ALA B 201 10.93 18.05 -0.71
CA ALA B 201 10.29 18.97 0.22
C ALA B 201 9.65 18.18 1.35
N HIS B 202 9.75 18.70 2.56
CA HIS B 202 9.13 18.11 3.74
C HIS B 202 8.39 19.24 4.44
N PRO B 203 7.09 19.40 4.17
CA PRO B 203 6.36 20.56 4.71
C PRO B 203 6.36 20.63 6.22
N ALA B 204 6.27 19.47 6.91
CA ALA B 204 6.14 19.49 8.36
C ALA B 204 7.36 20.11 9.04
N SER B 205 8.54 19.99 8.44
CA SER B 205 9.76 20.59 8.98
C SER B 205 10.19 21.82 8.19
N SER B 206 9.35 22.30 7.27
CA SER B 206 9.68 23.43 6.39
C SER B 206 11.03 23.21 5.71
N THR B 207 11.24 22.00 5.21
CA THR B 207 12.52 21.67 4.57
C THR B 207 12.35 21.62 3.06
N LYS B 208 13.32 22.20 2.36
CA LYS B 208 13.44 22.07 0.90
C LYS B 208 14.90 21.86 0.57
N VAL B 209 15.19 20.78 -0.17
CA VAL B 209 16.55 20.42 -0.54
C VAL B 209 16.58 20.15 -2.04
N ASP B 210 17.53 20.75 -2.73
CA ASP B 210 17.84 20.40 -4.11
C ASP B 210 19.19 19.69 -4.11
N LYS B 211 19.22 18.45 -4.58
CA LYS B 211 20.48 17.71 -4.64
C LYS B 211 20.78 17.39 -6.10
N LYS B 212 21.82 18.03 -6.64
CA LYS B 212 22.31 17.71 -7.97
C LYS B 212 23.02 16.36 -7.93
N ILE B 213 22.74 15.53 -8.94
CA ILE B 213 23.39 14.23 -9.09
C ILE B 213 24.64 14.46 -9.92
N VAL B 214 25.81 14.30 -9.31
CA VAL B 214 27.06 14.51 -10.05
C VAL B 214 27.77 13.16 -10.20
N PRO B 215 28.53 12.97 -11.28
CA PRO B 215 29.25 11.71 -11.45
C PRO B 215 30.26 11.51 -10.32
N ARG B 216 30.43 10.24 -9.94
CA ARG B 216 31.41 9.88 -8.93
C ARG B 216 32.82 9.92 -9.52
N ALA C 1 -31.42 -4.67 3.77
CA ALA C 1 -30.33 -3.84 4.25
C ALA C 1 -29.07 -4.07 3.43
N VAL C 2 -28.28 -3.02 3.26
CA VAL C 2 -27.09 -3.05 2.41
C VAL C 2 -25.92 -2.49 3.19
N GLY C 3 -24.78 -3.15 3.11
CA GLY C 3 -23.55 -2.68 3.72
C GLY C 3 -22.99 -3.64 4.74
N ILE C 4 -21.84 -3.25 5.30
CA ILE C 4 -21.09 -4.12 6.21
C ILE C 4 -21.94 -4.53 7.40
N GLY C 5 -22.79 -3.63 7.89
CA GLY C 5 -23.59 -3.92 9.07
C GLY C 5 -25.02 -4.32 8.77
N ALA C 6 -25.26 -4.91 7.60
CA ALA C 6 -26.63 -5.18 7.19
C ALA C 6 -27.34 -6.19 8.08
N VAL C 7 -26.59 -7.09 8.72
CA VAL C 7 -27.21 -8.13 9.54
C VAL C 7 -27.77 -7.59 10.85
N PHE C 8 -27.30 -6.42 11.31
CA PHE C 8 -27.64 -5.95 12.65
C PHE C 8 -28.94 -5.16 12.69
#